data_3BDI
#
_entry.id   3BDI
#
_cell.length_a   43.384
_cell.length_b   46.292
_cell.length_c   101.644
_cell.angle_alpha   90.000
_cell.angle_beta   90.000
_cell.angle_gamma   90.000
#
_symmetry.space_group_name_H-M   'P 21 21 21'
#
loop_
_entity.id
_entity.type
_entity.pdbx_description
1 polymer 'Uncharacterized protein Ta0194'
2 non-polymer DI(HYDROXYETHYL)ETHER
3 water water
#
_entity_poly.entity_id   1
_entity_poly.type   'polypeptide(L)'
_entity_poly.pdbx_seq_one_letter_code
;G(MSE)ALQEEFIDVNGTRVFQRK(MSE)VTDSNRRSIALFHGYSFTS(MSE)DWDKADLFNNYSKIGYNVYAPDYPGFG
RSASSEKYGIDRGDLKHAAEFIRDYLKANGVARSVI(MSE)GAS(MSE)GGG(MSE)VI(MSE)TTLQYPDIVDGIIAVA
PAWVESLKGD(MSE)KKIRQKTLLVWGSKDHVVPIALSKEYASIISGSRLEIVEGSGHPVYIEKPEEFVRITVDFLRNL
;
_entity_poly.pdbx_strand_id   A
#
loop_
_chem_comp.id
_chem_comp.type
_chem_comp.name
_chem_comp.formula
PEG non-polymer DI(HYDROXYETHYL)ETHER 'C4 H10 O3'
#
# COMPACT_ATOMS: atom_id res chain seq x y z
N GLY A 1 13.14 -14.09 17.79
CA GLY A 1 11.63 -13.97 17.80
C GLY A 1 11.23 -12.85 16.89
N MSE A 2 9.94 -12.50 16.81
CA MSE A 2 9.53 -11.40 15.89
C MSE A 2 9.82 -10.02 16.48
O MSE A 2 9.51 -9.75 17.64
CB MSE A 2 8.10 -11.48 15.36
CG MSE A 2 7.75 -12.78 14.55
SE MSE A 2 8.88 -13.46 13.09
CE MSE A 2 8.77 -11.91 11.96
N ALA A 3 10.42 -9.16 15.67
CA ALA A 3 10.85 -7.83 16.11
C ALA A 3 10.41 -6.80 15.10
N LEU A 4 9.91 -5.67 15.57
CA LEU A 4 9.67 -4.54 14.67
C LEU A 4 10.94 -3.71 14.62
N GLN A 5 11.59 -3.74 13.46
CA GLN A 5 12.85 -3.04 13.22
C GLN A 5 12.53 -1.70 12.60
N GLU A 6 13.17 -0.68 13.12
CA GLU A 6 13.00 0.69 12.60
C GLU A 6 14.41 1.17 12.22
N GLU A 7 14.61 1.62 11.00
CA GLU A 7 15.95 1.85 10.50
C GLU A 7 15.89 2.77 9.29
N PHE A 8 17.04 3.24 8.86
CA PHE A 8 17.16 4.02 7.64
C PHE A 8 17.90 3.18 6.61
N ILE A 9 17.38 3.19 5.39
N ILE A 9 17.49 3.31 5.37
CA ILE A 9 17.91 2.47 4.22
CA ILE A 9 18.05 2.54 4.27
C ILE A 9 18.28 3.51 3.15
C ILE A 9 18.19 3.40 3.03
N ASP A 10 19.35 3.26 2.38
CA ASP A 10 19.62 4.05 1.21
C ASP A 10 18.90 3.47 0.04
N VAL A 11 18.07 4.29 -0.62
CA VAL A 11 17.42 3.94 -1.86
C VAL A 11 17.98 4.86 -2.94
N ASN A 12 19.00 4.38 -3.64
CA ASN A 12 19.67 5.13 -4.71
C ASN A 12 19.97 6.56 -4.34
N GLY A 13 20.50 6.76 -3.15
CA GLY A 13 21.00 8.06 -2.73
C GLY A 13 20.04 8.85 -1.84
N THR A 14 18.84 8.31 -1.64
CA THR A 14 17.85 8.96 -0.75
C THR A 14 17.76 8.17 0.53
N ARG A 15 17.90 8.86 1.66
CA ARG A 15 17.82 8.26 2.97
C ARG A 15 16.39 8.06 3.45
N VAL A 16 15.92 6.82 3.40
CA VAL A 16 14.55 6.45 3.63
C VAL A 16 14.41 5.81 5.00
N PHE A 17 13.49 6.31 5.81
CA PHE A 17 13.10 5.64 7.04
C PHE A 17 12.14 4.51 6.72
N GLN A 18 12.37 3.35 7.34
CA GLN A 18 11.40 2.27 7.24
C GLN A 18 11.23 1.51 8.51
N ARG A 19 10.08 0.87 8.61
CA ARG A 19 9.73 -0.09 9.66
C ARG A 19 9.47 -1.43 9.03
N LYS A 20 9.99 -2.51 9.64
CA LYS A 20 9.80 -3.82 9.02
C LYS A 20 9.70 -4.91 10.06
N MSE A 21 8.96 -5.96 9.74
CA MSE A 21 8.91 -7.17 10.55
C MSE A 21 9.07 -8.36 9.59
O MSE A 21 8.20 -8.66 8.82
CB MSE A 21 7.59 -7.22 11.27
CG MSE A 21 7.49 -8.42 12.23
SE MSE A 21 5.97 -8.42 13.44
CE MSE A 21 6.54 -7.17 14.76
N VAL A 22 10.25 -8.95 9.65
CA VAL A 22 10.58 -9.96 8.65
C VAL A 22 11.29 -11.17 9.27
N THR A 23 11.22 -12.28 8.58
N THR A 23 11.14 -12.31 8.59
CA THR A 23 12.05 -13.45 8.89
CA THR A 23 11.94 -13.54 8.79
C THR A 23 12.44 -14.09 7.57
C THR A 23 12.53 -13.96 7.46
N ASP A 24 13.67 -14.64 7.50
CA ASP A 24 14.24 -15.17 6.25
C ASP A 24 13.49 -16.35 5.66
N SER A 25 12.66 -17.02 6.49
CA SER A 25 11.79 -18.14 6.10
C SER A 25 10.51 -17.79 5.34
N ASN A 26 9.98 -16.58 5.57
N ASN A 26 9.96 -16.61 5.61
CA ASN A 26 8.76 -16.22 4.91
CA ASN A 26 8.72 -16.27 4.97
C ASN A 26 8.95 -16.15 3.42
C ASN A 26 8.94 -16.17 3.46
N ARG A 27 7.95 -16.60 2.69
CA ARG A 27 8.03 -16.63 1.23
C ARG A 27 7.00 -15.69 0.65
N ARG A 28 6.49 -14.81 1.54
CA ARG A 28 5.49 -13.84 1.22
C ARG A 28 5.95 -12.49 1.80
N SER A 29 5.76 -11.47 0.97
CA SER A 29 6.04 -10.07 1.37
C SER A 29 4.86 -9.16 1.09
N ILE A 30 4.73 -8.14 1.97
CA ILE A 30 3.82 -7.06 1.75
C ILE A 30 4.52 -5.75 2.18
N ALA A 31 4.34 -4.73 1.35
CA ALA A 31 4.89 -3.39 1.60
C ALA A 31 3.71 -2.40 1.62
N LEU A 32 3.76 -1.48 2.58
CA LEU A 32 2.70 -0.55 2.93
C LEU A 32 3.13 0.87 2.65
N PHE A 33 2.30 1.62 1.94
CA PHE A 33 2.62 3.01 1.49
C PHE A 33 1.52 3.95 1.96
N HIS A 34 1.93 4.93 2.77
CA HIS A 34 1.04 5.83 3.46
C HIS A 34 0.43 6.93 2.58
N GLY A 35 -0.58 7.58 3.15
CA GLY A 35 -1.21 8.77 2.59
C GLY A 35 -0.48 10.04 2.92
N TYR A 36 -0.90 11.11 2.29
CA TYR A 36 -0.28 12.42 2.41
C TYR A 36 -0.15 12.86 3.89
N SER A 37 -1.16 12.53 4.73
CA SER A 37 -1.29 13.08 6.04
C SER A 37 -0.69 12.22 7.12
N PHE A 38 -0.19 11.02 6.76
CA PHE A 38 0.27 10.04 7.76
C PHE A 38 1.65 9.53 7.39
N THR A 39 2.20 8.67 8.23
CA THR A 39 3.51 8.09 7.97
C THR A 39 3.49 6.62 8.27
N SER A 40 4.66 5.95 8.18
CA SER A 40 4.78 4.55 8.55
C SER A 40 4.49 4.30 10.03
N MSE A 41 4.55 5.33 10.88
CA MSE A 41 4.18 5.17 12.29
C MSE A 41 2.70 4.88 12.47
O MSE A 41 2.30 4.21 13.43
CB MSE A 41 4.58 6.40 13.11
CG MSE A 41 6.04 6.72 13.07
SE MSE A 41 7.17 5.35 13.87
CE MSE A 41 6.47 5.46 15.65
N ASP A 42 1.87 5.35 11.54
CA ASP A 42 0.43 5.30 11.76
C ASP A 42 -0.19 3.94 11.56
N TRP A 43 0.55 2.98 10.99
CA TRP A 43 0.12 1.62 10.87
C TRP A 43 0.09 0.95 12.27
N ASP A 44 0.65 1.59 13.29
CA ASP A 44 0.56 1.07 14.68
C ASP A 44 -0.90 0.95 15.08
N LYS A 45 -1.77 1.85 14.61
CA LYS A 45 -3.13 1.90 15.17
C LYS A 45 -3.86 0.58 14.90
N ALA A 46 -3.64 -0.04 13.73
CA ALA A 46 -4.22 -1.31 13.40
C ALA A 46 -3.28 -2.48 13.59
N ASP A 47 -2.14 -2.24 14.22
CA ASP A 47 -1.19 -3.31 14.54
C ASP A 47 -0.88 -4.14 13.30
N LEU A 48 -0.63 -3.49 12.15
CA LEU A 48 -0.51 -4.21 10.87
C LEU A 48 0.70 -5.08 10.75
N PHE A 49 1.80 -4.74 11.44
CA PHE A 49 2.99 -5.55 11.32
C PHE A 49 2.73 -6.93 11.93
N ASN A 50 2.23 -6.94 13.16
CA ASN A 50 1.92 -8.21 13.83
C ASN A 50 0.82 -8.94 13.08
N ASN A 51 -0.24 -8.26 12.68
CA ASN A 51 -1.33 -8.96 12.02
C ASN A 51 -0.99 -9.59 10.66
N TYR A 52 -0.14 -8.94 9.87
CA TYR A 52 0.28 -9.53 8.59
C TYR A 52 1.39 -10.51 8.75
N SER A 53 2.25 -10.33 9.74
CA SER A 53 3.30 -11.30 10.02
C SER A 53 2.74 -12.65 10.46
N LYS A 54 1.62 -12.62 11.19
CA LYS A 54 1.04 -13.84 11.73
C LYS A 54 0.43 -14.71 10.66
N ILE A 55 0.20 -14.18 9.46
CA ILE A 55 -0.27 -14.97 8.29
C ILE A 55 0.89 -15.19 7.30
N GLY A 56 2.14 -15.09 7.77
CA GLY A 56 3.32 -15.45 6.99
C GLY A 56 3.89 -14.45 6.00
N TYR A 57 3.47 -13.19 6.08
CA TYR A 57 4.05 -12.10 5.27
C TYR A 57 5.22 -11.38 5.99
N ASN A 58 6.32 -11.17 5.27
CA ASN A 58 7.31 -10.17 5.65
C ASN A 58 6.69 -8.80 5.35
N VAL A 59 6.79 -7.91 6.33
CA VAL A 59 6.11 -6.60 6.25
C VAL A 59 7.12 -5.44 6.24
N TYR A 60 6.94 -4.56 5.25
CA TYR A 60 7.85 -3.40 5.08
C TYR A 60 7.00 -2.15 4.97
N ALA A 61 7.41 -1.05 5.61
CA ALA A 61 6.65 0.20 5.48
C ALA A 61 7.61 1.39 5.55
N PRO A 62 7.87 2.08 4.44
CA PRO A 62 8.70 3.30 4.46
C PRO A 62 7.91 4.58 4.61
N ASP A 63 8.61 5.63 5.04
CA ASP A 63 8.13 7.01 4.86
C ASP A 63 8.53 7.40 3.44
N TYR A 64 7.57 7.86 2.65
CA TYR A 64 7.83 8.26 1.26
C TYR A 64 8.84 9.41 1.30
N PRO A 65 9.81 9.45 0.37
CA PRO A 65 10.71 10.63 0.32
C PRO A 65 9.99 11.96 0.39
N GLY A 66 10.44 12.84 1.27
CA GLY A 66 9.78 14.10 1.46
C GLY A 66 8.73 14.11 2.54
N PHE A 67 8.46 12.96 3.16
CA PHE A 67 7.41 12.79 4.17
C PHE A 67 8.02 12.15 5.39
N GLY A 68 7.38 12.28 6.54
CA GLY A 68 7.80 11.62 7.77
C GLY A 68 9.25 11.89 8.09
N ARG A 69 10.01 10.82 8.24
CA ARG A 69 11.43 10.85 8.61
C ARG A 69 12.38 10.69 7.41
N SER A 70 11.85 10.63 6.19
CA SER A 70 12.66 10.38 5.00
C SER A 70 13.14 11.68 4.38
N ALA A 71 14.31 11.63 3.77
CA ALA A 71 14.85 12.80 3.10
C ALA A 71 14.01 13.15 1.91
N SER A 72 14.04 14.45 1.57
CA SER A 72 13.56 14.87 0.26
C SER A 72 14.37 14.21 -0.84
N SER A 73 13.83 14.16 -2.05
CA SER A 73 14.48 13.39 -3.13
C SER A 73 14.21 14.01 -4.49
N GLU A 74 15.26 14.30 -5.27
CA GLU A 74 15.06 14.71 -6.64
C GLU A 74 14.53 13.59 -7.49
N LYS A 75 15.07 12.38 -7.31
CA LYS A 75 14.68 11.23 -8.13
C LYS A 75 13.23 10.78 -7.89
N TYR A 76 12.80 10.80 -6.62
CA TYR A 76 11.53 10.20 -6.21
C TYR A 76 10.51 11.20 -5.75
N GLY A 77 10.86 12.47 -5.65
CA GLY A 77 9.96 13.44 -5.04
C GLY A 77 8.70 13.58 -5.87
N ILE A 78 7.59 13.83 -5.18
CA ILE A 78 6.29 13.95 -5.87
C ILE A 78 5.77 15.37 -5.84
N ASP A 79 6.63 16.34 -5.52
CA ASP A 79 6.24 17.76 -5.52
C ASP A 79 5.61 18.21 -6.83
N ARG A 80 6.07 17.67 -7.97
CA ARG A 80 5.61 18.12 -9.30
C ARG A 80 4.57 17.19 -9.88
N GLY A 81 4.01 16.32 -9.05
CA GLY A 81 2.93 15.46 -9.44
C GLY A 81 3.32 14.30 -10.34
N ASP A 82 4.58 13.88 -10.33
CA ASP A 82 4.96 12.77 -11.23
C ASP A 82 4.84 11.43 -10.56
N LEU A 83 3.72 10.79 -10.74
CA LEU A 83 3.43 9.51 -10.13
C LEU A 83 4.33 8.39 -10.67
N LYS A 84 4.85 8.55 -11.87
CA LYS A 84 5.85 7.58 -12.34
C LYS A 84 7.10 7.61 -11.44
N HIS A 85 7.42 8.73 -10.79
CA HIS A 85 8.51 8.75 -9.80
C HIS A 85 8.23 7.81 -8.66
N ALA A 86 6.97 7.72 -8.25
CA ALA A 86 6.60 6.84 -7.17
C ALA A 86 6.64 5.37 -7.56
N ALA A 87 6.33 5.04 -8.82
CA ALA A 87 6.52 3.65 -9.27
C ALA A 87 7.98 3.24 -9.24
N GLU A 88 8.85 4.14 -9.70
N GLU A 88 8.85 4.15 -9.67
CA GLU A 88 10.32 3.95 -9.58
CA GLU A 88 10.28 3.93 -9.59
C GLU A 88 10.69 3.72 -8.12
C GLU A 88 10.74 3.79 -8.14
N PHE A 89 10.18 4.58 -7.24
CA PHE A 89 10.47 4.42 -5.82
C PHE A 89 10.10 3.05 -5.33
N ILE A 90 8.86 2.61 -5.60
CA ILE A 90 8.42 1.33 -5.03
C ILE A 90 9.26 0.14 -5.55
N ARG A 91 9.51 0.15 -6.86
N ARG A 91 9.53 0.14 -6.86
CA ARG A 91 10.40 -0.86 -7.45
CA ARG A 91 10.40 -0.91 -7.41
C ARG A 91 11.78 -0.86 -6.79
C ARG A 91 11.80 -0.87 -6.79
N ASP A 92 12.37 0.33 -6.70
CA ASP A 92 13.73 0.47 -6.15
C ASP A 92 13.82 0.14 -4.67
N TYR A 93 12.75 0.49 -3.94
CA TYR A 93 12.63 0.24 -2.51
C TYR A 93 12.54 -1.27 -2.23
N LEU A 94 11.73 -1.99 -3.01
CA LEU A 94 11.69 -3.42 -2.87
C LEU A 94 13.07 -4.04 -3.18
N LYS A 95 13.71 -3.57 -4.25
CA LYS A 95 15.04 -4.08 -4.64
C LYS A 95 16.05 -3.82 -3.55
N ALA A 96 16.01 -2.63 -2.93
CA ALA A 96 16.95 -2.32 -1.86
C ALA A 96 16.84 -3.26 -0.67
N ASN A 97 15.63 -3.75 -0.43
CA ASN A 97 15.35 -4.70 0.65
C ASN A 97 15.53 -6.17 0.21
N GLY A 98 15.95 -6.40 -1.04
CA GLY A 98 16.20 -7.76 -1.49
C GLY A 98 14.94 -8.49 -1.84
N VAL A 99 13.84 -7.77 -2.10
CA VAL A 99 12.52 -8.37 -2.32
C VAL A 99 12.22 -8.37 -3.80
N ALA A 100 12.03 -9.56 -4.37
CA ALA A 100 11.80 -9.68 -5.79
C ALA A 100 10.36 -9.39 -6.25
N ARG A 101 9.42 -9.82 -5.42
CA ARG A 101 8.01 -9.64 -5.66
C ARG A 101 7.32 -9.45 -4.31
N SER A 102 6.23 -8.67 -4.34
CA SER A 102 5.51 -8.35 -3.11
C SER A 102 4.05 -7.97 -3.40
N VAL A 103 3.21 -8.25 -2.41
CA VAL A 103 1.92 -7.54 -2.32
C VAL A 103 2.21 -6.08 -1.96
N ILE A 104 1.50 -5.14 -2.57
CA ILE A 104 1.69 -3.73 -2.21
C ILE A 104 0.34 -3.14 -1.83
N MSE A 105 0.34 -2.47 -0.68
N MSE A 105 0.37 -2.39 -0.72
CA MSE A 105 -0.83 -1.78 -0.16
CA MSE A 105 -0.80 -1.80 -0.08
C MSE A 105 -0.55 -0.32 -0.10
C MSE A 105 -0.61 -0.30 0.05
O MSE A 105 0.57 0.07 0.24
O MSE A 105 0.39 0.12 0.65
CB MSE A 105 -1.13 -2.30 1.25
CB MSE A 105 -0.97 -2.39 1.32
CG MSE A 105 -2.16 -1.46 1.99
CG MSE A 105 -2.15 -1.83 2.11
SE MSE A 105 -2.73 -2.32 3.64
SE MSE A 105 -1.86 -0.15 3.10
CE MSE A 105 -2.59 -0.78 4.79
CE MSE A 105 -1.87 -0.83 4.93
N GLY A 106 -1.54 0.49 -0.49
CA GLY A 106 -1.41 1.93 -0.41
C GLY A 106 -2.69 2.58 0.04
N ALA A 107 -2.55 3.61 0.89
CA ALA A 107 -3.66 4.42 1.30
C ALA A 107 -3.61 5.78 0.62
N SER A 108 -4.71 6.19 -0.02
CA SER A 108 -4.89 7.56 -0.52
C SER A 108 -3.81 7.84 -1.59
N MSE A 109 -2.98 8.86 -1.41
N MSE A 109 -2.90 8.81 -1.45
CA MSE A 109 -1.84 9.07 -2.28
CA MSE A 109 -1.85 8.94 -2.50
C MSE A 109 -1.13 7.73 -2.56
C MSE A 109 -1.06 7.66 -2.62
O MSE A 109 -0.83 7.41 -3.70
O MSE A 109 -0.56 7.31 -3.68
CB MSE A 109 -0.88 10.07 -1.59
CB MSE A 109 -0.88 10.11 -2.25
CG MSE A 109 0.43 10.26 -2.31
CG MSE A 109 0.26 9.81 -1.30
SE MSE A 109 1.62 11.44 -1.28
SE MSE A 109 1.26 11.40 -0.80
CE MSE A 109 2.22 10.32 0.18
CE MSE A 109 2.58 10.56 0.32
N GLY A 110 -0.83 6.98 -1.50
CA GLY A 110 -0.12 5.71 -1.58
C GLY A 110 -0.86 4.69 -2.41
N GLY A 111 -2.19 4.74 -2.36
CA GLY A 111 -3.01 3.86 -3.22
C GLY A 111 -2.81 4.20 -4.69
N GLY A 112 -2.77 5.47 -5.04
CA GLY A 112 -2.36 5.84 -6.38
C GLY A 112 -0.99 5.32 -6.74
N MSE A 113 -0.06 5.40 -5.80
CA MSE A 113 1.28 4.92 -6.07
C MSE A 113 1.32 3.44 -6.38
O MSE A 113 2.07 3.01 -7.28
CB MSE A 113 2.21 5.23 -4.90
CG MSE A 113 2.42 6.67 -4.65
SE MSE A 113 3.63 6.95 -3.16
CE MSE A 113 3.79 8.85 -3.35
N VAL A 114 0.59 2.64 -5.58
CA VAL A 114 0.65 1.19 -5.82
C VAL A 114 -0.05 0.80 -7.12
N ILE A 115 -1.09 1.53 -7.50
CA ILE A 115 -1.72 1.30 -8.82
C ILE A 115 -0.69 1.58 -9.92
N MSE A 116 -0.06 2.74 -9.86
CA MSE A 116 0.91 3.08 -10.88
C MSE A 116 2.05 2.09 -10.94
O MSE A 116 2.53 1.72 -12.04
CB MSE A 116 1.49 4.49 -10.67
CG MSE A 116 2.50 4.90 -11.78
SE MSE A 116 1.70 5.02 -13.56
CE MSE A 116 1.08 6.75 -13.35
N THR A 117 2.53 1.63 -9.80
CA THR A 117 3.57 0.61 -9.79
C THR A 117 3.15 -0.69 -10.50
N THR A 118 1.89 -1.07 -10.34
CA THR A 118 1.36 -2.27 -11.02
C THR A 118 1.23 -2.04 -12.53
N LEU A 119 0.90 -0.83 -12.94
CA LEU A 119 0.81 -0.50 -14.38
C LEU A 119 2.20 -0.50 -15.01
N GLN A 120 3.23 -0.08 -14.29
CA GLN A 120 4.57 0.05 -14.84
C GLN A 120 5.39 -1.21 -14.74
N TYR A 121 5.28 -1.91 -13.61
CA TYR A 121 6.12 -3.03 -13.23
C TYR A 121 5.26 -4.17 -12.70
N PRO A 122 4.37 -4.68 -13.56
CA PRO A 122 3.46 -5.71 -13.07
C PRO A 122 4.13 -6.97 -12.55
N ASP A 123 5.33 -7.26 -13.06
CA ASP A 123 6.00 -8.50 -12.69
C ASP A 123 6.52 -8.53 -11.27
N ILE A 124 6.54 -7.37 -10.61
CA ILE A 124 6.96 -7.33 -9.22
C ILE A 124 5.79 -7.38 -8.20
N VAL A 125 4.55 -7.37 -8.70
CA VAL A 125 3.36 -7.16 -7.83
C VAL A 125 2.57 -8.47 -7.71
N ASP A 126 2.50 -9.01 -6.49
CA ASP A 126 1.75 -10.25 -6.20
C ASP A 126 0.26 -10.00 -5.95
N GLY A 127 -0.14 -8.77 -5.66
CA GLY A 127 -1.51 -8.39 -5.31
C GLY A 127 -1.50 -6.93 -4.89
N ILE A 128 -2.67 -6.32 -4.91
CA ILE A 128 -2.83 -4.88 -4.55
C ILE A 128 -3.87 -4.75 -3.45
N ILE A 129 -3.60 -3.91 -2.44
CA ILE A 129 -4.62 -3.39 -1.56
C ILE A 129 -4.58 -1.87 -1.73
N ALA A 130 -5.68 -1.27 -2.05
CA ALA A 130 -5.74 0.18 -2.23
C ALA A 130 -6.90 0.72 -1.44
N VAL A 131 -6.59 1.61 -0.51
CA VAL A 131 -7.54 2.21 0.39
C VAL A 131 -7.88 3.58 -0.17
N ALA A 132 -9.05 3.71 -0.81
CA ALA A 132 -9.50 4.96 -1.42
C ALA A 132 -8.37 5.64 -2.19
N PRO A 133 -7.84 4.96 -3.21
CA PRO A 133 -6.72 5.52 -3.96
C PRO A 133 -6.97 6.84 -4.62
N ALA A 134 -6.10 7.81 -4.36
CA ALA A 134 -6.12 9.13 -4.94
C ALA A 134 -5.18 9.17 -6.14
N TRP A 135 -5.42 10.15 -7.01
CA TRP A 135 -4.53 10.51 -8.13
C TRP A 135 -4.52 9.52 -9.32
N VAL A 136 -5.51 8.66 -9.42
CA VAL A 136 -5.49 7.65 -10.49
C VAL A 136 -6.64 7.81 -11.50
N GLU A 137 -7.43 8.86 -11.39
CA GLU A 137 -8.61 9.00 -12.26
C GLU A 137 -8.23 9.07 -13.71
N SER A 138 -7.02 9.48 -14.04
CA SER A 138 -6.57 9.51 -15.43
C SER A 138 -6.02 8.19 -15.98
N LEU A 139 -5.99 7.15 -15.14
CA LEU A 139 -5.35 5.87 -15.47
C LEU A 139 -6.33 4.74 -15.70
N LYS A 140 -7.61 5.04 -15.91
CA LYS A 140 -8.64 4.00 -16.01
C LYS A 140 -8.37 3.03 -17.17
N GLY A 141 -7.88 3.55 -18.30
CA GLY A 141 -7.66 2.71 -19.46
C GLY A 141 -6.53 1.73 -19.20
N ASP A 142 -5.59 2.09 -18.32
CA ASP A 142 -4.50 1.18 -18.01
C ASP A 142 -4.89 0.23 -16.88
N MSE A 143 -5.65 0.75 -15.93
CA MSE A 143 -6.18 -0.03 -14.83
C MSE A 143 -7.00 -1.17 -15.33
O MSE A 143 -7.01 -2.22 -14.72
CB MSE A 143 -7.00 0.83 -13.87
CG MSE A 143 -6.14 1.72 -13.00
SE MSE A 143 -7.12 3.02 -11.94
CE MSE A 143 -8.81 2.29 -11.79
N LYS A 144 -7.71 -1.00 -16.46
CA LYS A 144 -8.49 -2.11 -16.99
C LYS A 144 -7.65 -3.35 -17.28
N LYS A 145 -6.34 -3.15 -17.45
CA LYS A 145 -5.39 -4.22 -17.75
C LYS A 145 -4.85 -5.00 -16.55
N ILE A 146 -5.01 -4.44 -15.35
CA ILE A 146 -4.46 -5.11 -14.16
C ILE A 146 -4.97 -6.53 -13.98
N ARG A 147 -4.05 -7.48 -13.87
CA ARG A 147 -4.42 -8.86 -13.64
C ARG A 147 -4.35 -9.34 -12.20
N GLN A 148 -3.63 -8.58 -11.34
CA GLN A 148 -3.49 -8.96 -9.94
C GLN A 148 -4.82 -8.95 -9.19
N LYS A 149 -4.93 -9.88 -8.24
CA LYS A 149 -5.98 -9.82 -7.23
C LYS A 149 -5.84 -8.45 -6.57
N THR A 150 -6.96 -7.75 -6.43
CA THR A 150 -6.97 -6.39 -5.89
C THR A 150 -8.10 -6.24 -4.88
N LEU A 151 -7.79 -5.68 -3.70
CA LEU A 151 -8.76 -5.29 -2.72
C LEU A 151 -8.83 -3.78 -2.70
N LEU A 152 -10.02 -3.26 -2.91
CA LEU A 152 -10.35 -1.84 -2.79
C LEU A 152 -11.13 -1.65 -1.50
N VAL A 153 -10.63 -0.78 -0.62
CA VAL A 153 -11.24 -0.51 0.69
C VAL A 153 -11.64 0.94 0.71
N TRP A 154 -12.87 1.22 1.11
CA TRP A 154 -13.34 2.59 1.25
C TRP A 154 -14.13 2.68 2.54
N GLY A 155 -14.05 3.81 3.21
CA GLY A 155 -14.99 4.14 4.28
C GLY A 155 -16.30 4.67 3.75
N SER A 156 -17.39 4.33 4.42
CA SER A 156 -18.75 4.71 3.98
C SER A 156 -18.96 6.20 4.03
N LYS A 157 -18.17 6.89 4.85
CA LYS A 157 -18.29 8.34 5.05
C LYS A 157 -17.18 9.11 4.33
N ASP A 158 -16.46 8.48 3.41
CA ASP A 158 -15.37 9.14 2.71
C ASP A 158 -15.89 10.17 1.71
N HIS A 159 -15.59 11.43 1.97
CA HIS A 159 -15.85 12.52 1.04
C HIS A 159 -14.58 13.15 0.49
N VAL A 160 -13.43 12.51 0.75
CA VAL A 160 -12.14 12.98 0.22
C VAL A 160 -11.91 12.43 -1.19
N VAL A 161 -12.08 11.13 -1.32
CA VAL A 161 -12.07 10.48 -2.61
C VAL A 161 -13.45 9.85 -2.75
N PRO A 162 -14.26 10.41 -3.62
CA PRO A 162 -15.67 10.07 -3.65
C PRO A 162 -15.98 8.57 -3.73
N ILE A 163 -16.99 8.15 -2.98
N ILE A 163 -16.97 8.12 -2.97
CA ILE A 163 -17.37 6.74 -2.95
CA ILE A 163 -17.40 6.71 -2.98
C ILE A 163 -17.91 6.26 -4.31
C ILE A 163 -17.86 6.26 -4.36
N ALA A 164 -18.43 7.16 -5.15
CA ALA A 164 -18.78 6.83 -6.51
C ALA A 164 -17.62 6.22 -7.31
N LEU A 165 -16.39 6.67 -7.05
CA LEU A 165 -15.23 6.09 -7.72
C LEU A 165 -14.93 4.69 -7.28
N SER A 166 -15.29 4.35 -6.03
CA SER A 166 -15.12 2.98 -5.56
C SER A 166 -15.79 1.97 -6.50
N LYS A 167 -17.04 2.22 -6.87
CA LYS A 167 -17.81 1.30 -7.69
C LYS A 167 -17.26 1.30 -9.12
N GLU A 168 -16.84 2.46 -9.58
CA GLU A 168 -16.22 2.55 -10.88
C GLU A 168 -14.87 1.80 -10.95
N TYR A 169 -14.00 2.01 -9.97
CA TYR A 169 -12.73 1.31 -9.99
C TYR A 169 -12.92 -0.19 -9.84
N ALA A 170 -13.95 -0.61 -9.09
CA ALA A 170 -14.22 -2.03 -8.88
C ALA A 170 -14.65 -2.68 -10.19
N SER A 171 -15.32 -1.92 -11.01
CA SER A 171 -15.70 -2.43 -12.34
C SER A 171 -14.53 -2.50 -13.31
N ILE A 172 -13.69 -1.49 -13.29
CA ILE A 172 -12.53 -1.44 -14.15
C ILE A 172 -11.55 -2.57 -13.86
N ILE A 173 -11.23 -2.83 -12.58
CA ILE A 173 -10.25 -3.85 -12.26
C ILE A 173 -10.96 -5.18 -12.07
N SER A 174 -10.84 -6.08 -13.07
CA SER A 174 -11.57 -7.36 -13.03
C SER A 174 -11.19 -8.22 -11.86
N GLY A 175 -12.17 -8.80 -11.17
CA GLY A 175 -11.88 -9.67 -10.01
C GLY A 175 -11.61 -8.93 -8.72
N SER A 176 -11.44 -7.59 -8.83
CA SER A 176 -11.27 -6.75 -7.64
C SER A 176 -12.36 -7.03 -6.62
N ARG A 177 -11.99 -7.03 -5.34
CA ARG A 177 -12.90 -7.20 -4.17
C ARG A 177 -13.09 -5.73 -3.64
N LEU A 178 -14.29 -5.15 -3.69
CA LEU A 178 -14.60 -3.85 -3.04
C LEU A 178 -15.26 -4.06 -1.69
N GLU A 179 -14.70 -3.48 -0.67
N GLU A 179 -14.65 -3.50 -0.65
CA GLU A 179 -15.32 -3.49 0.63
CA GLU A 179 -15.14 -3.55 0.73
C GLU A 179 -15.52 -2.07 1.20
C GLU A 179 -15.37 -2.17 1.31
N ILE A 180 -16.76 -1.72 1.53
N ILE A 180 -16.65 -1.80 1.45
CA ILE A 180 -17.04 -0.42 2.07
CA ILE A 180 -17.05 -0.57 2.13
C ILE A 180 -17.29 -0.62 3.57
C ILE A 180 -17.12 -0.83 3.62
N VAL A 181 -16.45 0.03 4.39
CA VAL A 181 -16.44 -0.13 5.83
C VAL A 181 -17.33 0.94 6.45
N GLU A 182 -18.39 0.46 7.11
N GLU A 182 -18.42 0.50 7.09
CA GLU A 182 -19.34 1.31 7.80
CA GLU A 182 -19.35 1.42 7.71
C GLU A 182 -18.70 2.14 8.89
C GLU A 182 -18.73 2.15 8.86
N GLY A 183 -19.05 3.43 8.96
CA GLY A 183 -18.66 4.21 10.09
C GLY A 183 -17.29 4.83 10.03
N SER A 184 -16.62 4.70 8.89
CA SER A 184 -15.29 5.25 8.66
C SER A 184 -15.30 6.29 7.57
N GLY A 185 -14.55 7.37 7.73
CA GLY A 185 -14.17 8.26 6.62
C GLY A 185 -12.96 7.74 5.86
N HIS A 186 -12.15 8.64 5.32
CA HIS A 186 -11.13 8.31 4.37
C HIS A 186 -10.03 7.33 4.93
N PRO A 187 -9.36 7.56 6.11
CA PRO A 187 -8.30 6.67 6.72
C PRO A 187 -8.84 5.47 7.56
N VAL A 188 -9.24 4.47 6.81
CA VAL A 188 -10.00 3.41 7.37
C VAL A 188 -9.22 2.63 8.43
N TYR A 189 -7.93 2.48 8.17
CA TYR A 189 -6.99 1.76 9.04
C TYR A 189 -6.71 2.51 10.36
N ILE A 190 -7.20 3.75 10.47
CA ILE A 190 -7.15 4.52 11.73
C ILE A 190 -8.52 4.53 12.40
N GLU A 191 -9.58 4.76 11.63
CA GLU A 191 -10.87 4.95 12.25
C GLU A 191 -11.62 3.65 12.55
N LYS A 192 -11.43 2.61 11.75
CA LYS A 192 -12.04 1.28 11.96
C LYS A 192 -10.95 0.22 11.83
N PRO A 193 -9.95 0.26 12.73
CA PRO A 193 -8.83 -0.60 12.56
C PRO A 193 -9.13 -2.09 12.64
N GLU A 194 -10.05 -2.49 13.51
N GLU A 194 -10.05 -2.50 13.50
CA GLU A 194 -10.38 -3.92 13.65
CA GLU A 194 -10.32 -3.94 13.62
C GLU A 194 -10.96 -4.47 12.37
C GLU A 194 -10.99 -4.51 12.38
N GLU A 195 -11.92 -3.76 11.79
CA GLU A 195 -12.56 -4.19 10.56
C GLU A 195 -11.57 -4.11 9.38
N PHE A 196 -10.73 -3.10 9.36
CA PHE A 196 -9.66 -3.04 8.40
C PHE A 196 -8.79 -4.30 8.42
N VAL A 197 -8.36 -4.72 9.60
CA VAL A 197 -7.58 -5.92 9.75
C VAL A 197 -8.37 -7.15 9.32
N ARG A 198 -9.63 -7.26 9.72
CA ARG A 198 -10.39 -8.48 9.39
C ARG A 198 -10.47 -8.65 7.89
N ILE A 199 -10.78 -7.57 7.18
CA ILE A 199 -10.97 -7.60 5.73
C ILE A 199 -9.63 -7.83 5.02
N THR A 200 -8.56 -7.11 5.40
CA THR A 200 -7.30 -7.25 4.71
C THR A 200 -6.63 -8.60 4.99
N VAL A 201 -6.72 -9.11 6.20
CA VAL A 201 -6.21 -10.42 6.50
C VAL A 201 -6.97 -11.49 5.70
N ASP A 202 -8.29 -11.38 5.62
CA ASP A 202 -9.04 -12.35 4.85
C ASP A 202 -8.62 -12.35 3.37
N PHE A 203 -8.45 -11.16 2.77
CA PHE A 203 -7.97 -11.05 1.42
C PHE A 203 -6.61 -11.70 1.22
N LEU A 204 -5.67 -11.39 2.11
CA LEU A 204 -4.32 -11.90 1.99
C LEU A 204 -4.27 -13.41 2.19
N ARG A 205 -5.07 -13.93 3.09
N ARG A 205 -5.13 -13.89 3.07
CA ARG A 205 -5.07 -15.38 3.33
CA ARG A 205 -5.26 -15.34 3.31
C ARG A 205 -5.40 -16.11 2.00
C ARG A 205 -5.89 -16.11 2.15
N ASN A 206 -6.28 -15.47 1.21
N ASN A 206 -6.67 -15.43 1.32
CA ASN A 206 -6.96 -16.16 0.08
CA ASN A 206 -7.22 -16.01 0.04
C ASN A 206 -6.39 -15.77 -1.24
C ASN A 206 -6.35 -15.85 -1.25
N LEU A 207 -5.23 -15.12 -1.19
CA LEU A 207 -4.52 -14.66 -2.39
C LEU A 207 -3.88 -15.82 -3.11
C1 PEG B . 19.67 4.99 -9.85
O1 PEG B . 18.99 4.65 -11.07
C2 PEG B . 20.47 6.28 -10.00
O2 PEG B . 19.73 7.39 -9.48
C3 PEG B . 19.71 8.61 -10.26
C4 PEG B . 19.13 8.41 -11.66
O4 PEG B . 18.10 9.36 -11.92
C1 PEG C . 6.14 17.34 4.70
O1 PEG C . 6.81 17.48 5.96
C2 PEG C . 4.94 16.42 4.87
O2 PEG C . 3.77 16.93 4.20
C3 PEG C . 2.58 16.32 4.71
C4 PEG C . 2.02 17.12 5.87
O4 PEG C . 1.61 16.24 6.92
C1 PEG D . -16.44 -0.89 17.12
O1 PEG D . -15.68 -1.83 17.89
C2 PEG D . -16.26 0.50 17.69
O2 PEG D . -15.31 1.22 16.89
C3 PEG D . -14.86 2.43 17.51
C4 PEG D . -13.81 3.03 16.60
O4 PEG D . -14.40 3.12 15.30
#